data_7ZO5
#
_entry.id   7ZO5
#
_cell.length_a   105.610
_cell.length_b   105.610
_cell.length_c   98.450
_cell.angle_alpha   90.000
_cell.angle_beta   90.000
_cell.angle_gamma   120.000
#
_symmetry.space_group_name_H-M   'P 64 2 2'
#
loop_
_entity.id
_entity.type
_entity.pdbx_description
1 polymer 'Metallo-beta-lactamase L1'
2 non-polymer 'ZINC ION'
3 non-polymer '(2~{R},4~{S})-2-[(1~{R})-2-(azepan-1-yl)-1-formamido-2-oxidanylidene-ethyl]-5,5-dimethyl-1,3-thiazolidine-4-carboxylic acid'
4 non-polymer 'SULFATE ION'
5 water water
#
_entity_poly.entity_id   1
_entity_poly.type   'polypeptide(L)'
_entity_poly.pdbx_seq_one_letter_code
;GPAEVPLPQLRAYTVDASWLQPMAPLQIADHTWQIGTEDLTALLVQTPDGAVLLDGGMPQMASHLLDNMKARGVTPRDLR
LILLSHAHADHAGPVAELKRRTGAKVAANAESAVLLARGGSDDLHFGDGITYPPANADRIVMDGEVITVGGIVFTAHFMA
GHTPGSTAWTWTDTRNGKPVRIAYADSLSAPGYQLQGNPRYPHLIEDYRRSFATVRALPCDVLLTPHPGASNWDYAAGAR
AGAKALTCKAYADAAEQKFDGQLAKETAGAR
;
_entity_poly.pdbx_strand_id   A
#
loop_
_chem_comp.id
_chem_comp.type
_chem_comp.name
_chem_comp.formula
JO9 non-polymer '(2~{R},4~{S})-2-[(1~{R})-2-(azepan-1-yl)-1-formamido-2-oxidanylidene-ethyl]-5,5-dimethyl-1,3-thiazolidine-4-carboxylic acid' 'C15 H25 N3 O4 S'
SO4 non-polymer 'SULFATE ION' 'O4 S -2'
ZN non-polymer 'ZINC ION' 'Zn 2'
#
# COMPACT_ATOMS: atom_id res chain seq x y z
N GLU A 4 30.97 -22.40 23.17
CA GLU A 4 29.51 -22.55 23.17
C GLU A 4 28.79 -21.42 22.44
N VAL A 5 27.53 -21.65 22.10
CA VAL A 5 26.88 -20.89 21.04
C VAL A 5 25.52 -20.37 21.47
N PRO A 6 25.36 -19.07 21.67
CA PRO A 6 24.05 -18.56 22.05
C PRO A 6 23.10 -18.57 20.87
N LEU A 7 21.82 -18.45 21.19
CA LEU A 7 20.83 -18.24 20.16
C LEU A 7 21.12 -16.93 19.43
N PRO A 8 20.68 -16.80 18.19
CA PRO A 8 20.97 -15.56 17.46
C PRO A 8 20.24 -14.37 18.04
N GLN A 9 20.82 -13.19 17.88
CA GLN A 9 20.15 -11.96 18.23
C GLN A 9 18.97 -11.73 17.28
N LEU A 10 17.97 -11.01 17.77
CA LEU A 10 16.91 -10.58 16.89
C LEU A 10 17.50 -9.70 15.79
N ARG A 11 16.95 -9.84 14.58
CA ARG A 11 17.39 -9.12 13.40
C ARG A 11 16.30 -8.10 13.04
N ALA A 12 16.69 -6.83 12.97
CA ALA A 12 15.75 -5.80 12.59
C ALA A 12 15.47 -5.87 11.09
N TYR A 13 14.28 -5.40 10.73
CA TYR A 13 13.89 -5.28 9.33
C TYR A 13 14.58 -4.04 8.78
N THR A 14 15.70 -4.26 8.10
CA THR A 14 16.47 -3.18 7.50
C THR A 14 16.18 -3.14 6.00
N VAL A 15 16.20 -1.92 5.45
CA VAL A 15 15.76 -1.68 4.09
C VAL A 15 16.72 -0.73 3.39
N ASP A 16 16.59 -0.66 2.07
CA ASP A 16 17.43 0.24 1.29
C ASP A 16 17.25 1.68 1.78
N ALA A 17 18.33 2.45 1.75
CA ALA A 17 18.27 3.82 2.26
C ALA A 17 17.20 4.65 1.56
N SER A 18 17.01 4.45 0.26
CA SER A 18 16.04 5.28 -0.45
C SER A 18 14.63 5.09 0.08
N TRP A 19 14.34 3.92 0.68
CA TRP A 19 13.02 3.71 1.26
C TRP A 19 12.79 4.56 2.49
N LEU A 20 13.88 5.05 3.07
CA LEU A 20 13.83 5.84 4.30
C LEU A 20 14.23 7.28 4.06
N GLN A 21 14.38 7.69 2.81
CA GLN A 21 14.86 9.03 2.49
C GLN A 21 13.68 10.00 2.44
N PRO A 22 13.57 10.94 3.38
CA PRO A 22 12.41 11.85 3.35
C PRO A 22 12.37 12.70 2.09
N MET A 23 11.16 12.98 1.63
CA MET A 23 10.94 13.94 0.56
C MET A 23 9.84 14.91 0.95
N ALA A 24 9.88 16.10 0.37
CA ALA A 24 8.78 17.04 0.48
C ALA A 24 7.57 16.53 -0.29
N PRO A 25 6.38 17.05 0.02
CA PRO A 25 5.17 16.59 -0.69
C PRO A 25 5.29 16.82 -2.20
N LEU A 26 4.86 15.80 -2.95
CA LEU A 26 4.85 15.83 -4.41
C LEU A 26 3.41 15.70 -4.87
N GLN A 27 2.95 16.68 -5.66
CA GLN A 27 1.55 16.67 -6.06
C GLN A 27 1.31 15.71 -7.21
N ILE A 28 0.29 14.86 -7.04
CA ILE A 28 -0.14 13.91 -8.05
C ILE A 28 -1.36 14.41 -8.82
N ALA A 29 -2.33 14.95 -8.10
CA ALA A 29 -3.49 15.60 -8.69
C ALA A 29 -3.91 16.72 -7.76
N ASP A 30 -5.05 17.35 -8.08
CA ASP A 30 -5.42 18.58 -7.39
C ASP A 30 -5.50 18.40 -5.89
N HIS A 31 -5.93 17.22 -5.43
CA HIS A 31 -6.05 16.99 -3.98
C HIS A 31 -5.26 15.79 -3.49
N THR A 32 -4.39 15.22 -4.30
CA THR A 32 -3.68 13.99 -3.97
C THR A 32 -2.18 14.25 -4.00
N TRP A 33 -1.49 13.90 -2.91
CA TRP A 33 -0.06 14.15 -2.81
C TRP A 33 0.67 12.93 -2.29
N GLN A 34 1.86 12.67 -2.83
CA GLN A 34 2.82 11.75 -2.22
C GLN A 34 3.57 12.45 -1.10
N ILE A 35 3.48 11.89 0.13
CA ILE A 35 4.09 12.56 1.28
C ILE A 35 5.03 11.63 2.05
N GLY A 36 5.33 10.46 1.48
CA GLY A 36 6.24 9.53 2.14
C GLY A 36 7.70 9.78 1.84
N THR A 37 8.43 8.72 1.48
CA THR A 37 9.85 8.81 1.17
C THR A 37 10.04 8.64 -0.33
N GLU A 38 11.30 8.72 -0.75
N GLU A 38 11.30 8.72 -0.75
CA GLU A 38 11.61 8.60 -2.17
CA GLU A 38 11.63 8.59 -2.18
C GLU A 38 11.11 7.27 -2.74
C GLU A 38 11.11 7.27 -2.74
N ASP A 39 11.19 6.20 -1.95
CA ASP A 39 10.88 4.85 -2.45
C ASP A 39 9.76 4.13 -1.71
N LEU A 40 8.97 4.81 -0.87
CA LEU A 40 7.77 4.22 -0.34
C LEU A 40 6.61 5.22 -0.44
N THR A 41 5.51 4.75 -1.00
CA THR A 41 4.34 5.61 -1.19
C THR A 41 3.55 5.79 0.10
N ALA A 42 3.13 7.03 0.34
CA ALA A 42 2.15 7.33 1.36
C ALA A 42 1.35 8.51 0.81
N LEU A 43 0.08 8.27 0.49
CA LEU A 43 -0.71 9.24 -0.26
C LEU A 43 -1.63 10.00 0.68
N LEU A 44 -1.59 11.32 0.58
CA LEU A 44 -2.50 12.19 1.32
C LEU A 44 -3.53 12.73 0.35
N VAL A 45 -4.81 12.50 0.63
CA VAL A 45 -5.90 13.07 -0.15
C VAL A 45 -6.63 14.07 0.73
N GLN A 46 -6.65 15.32 0.30
CA GLN A 46 -7.17 16.43 1.09
C GLN A 46 -8.55 16.81 0.60
N THR A 47 -9.53 16.75 1.52
CA THR A 47 -10.89 17.13 1.18
C THR A 47 -11.31 18.28 2.08
N PRO A 48 -12.41 18.96 1.75
CA PRO A 48 -12.92 19.98 2.68
C PRO A 48 -13.34 19.38 4.02
N ASP A 49 -13.70 18.10 4.04
CA ASP A 49 -14.16 17.41 5.24
C ASP A 49 -13.08 16.54 5.88
N GLY A 50 -11.83 16.94 5.80
CA GLY A 50 -10.74 16.20 6.42
C GLY A 50 -9.89 15.47 5.40
N ALA A 51 -8.82 14.88 5.90
CA ALA A 51 -7.82 14.22 5.06
C ALA A 51 -7.82 12.72 5.23
N VAL A 52 -7.42 12.03 4.15
CA VAL A 52 -7.27 10.59 4.09
C VAL A 52 -5.81 10.30 3.80
N LEU A 53 -5.24 9.33 4.52
CA LEU A 53 -3.91 8.82 4.25
C LEU A 53 -4.03 7.38 3.75
N LEU A 54 -3.41 7.09 2.60
CA LEU A 54 -3.35 5.72 2.09
C LEU A 54 -1.90 5.26 2.22
N ASP A 55 -1.68 4.35 3.17
CA ASP A 55 -0.38 3.83 3.56
C ASP A 55 0.46 4.84 4.30
N GLY A 56 1.38 4.33 5.10
CA GLY A 56 2.31 5.21 5.78
C GLY A 56 3.75 4.81 5.65
N GLY A 57 4.06 3.70 5.01
CA GLY A 57 5.44 3.28 4.87
C GLY A 57 5.94 2.54 6.11
N MET A 58 7.20 2.80 6.49
CA MET A 58 7.88 2.06 7.55
C MET A 58 7.54 2.67 8.92
N PRO A 59 7.76 1.90 10.00
CA PRO A 59 7.35 2.39 11.33
C PRO A 59 7.98 3.71 11.68
N GLN A 60 9.21 3.95 11.27
CA GLN A 60 9.91 5.16 11.68
C GLN A 60 9.50 6.40 10.88
N MET A 61 8.53 6.28 9.99
CA MET A 61 8.11 7.41 9.16
C MET A 61 7.01 8.26 9.79
N ALA A 62 6.51 7.92 10.99
CA ALA A 62 5.35 8.64 11.50
C ALA A 62 5.58 10.16 11.61
N SER A 63 6.66 10.59 12.24
CA SER A 63 6.88 12.02 12.46
C SER A 63 7.07 12.74 11.13
N HIS A 64 7.75 12.11 10.17
CA HIS A 64 7.91 12.73 8.86
C HIS A 64 6.57 12.91 8.16
N LEU A 65 5.70 11.90 8.24
CA LEU A 65 4.37 12.01 7.66
C LEU A 65 3.62 13.17 8.30
N LEU A 66 3.69 13.29 9.63
CA LEU A 66 2.97 14.36 10.30
C LEU A 66 3.53 15.71 9.90
N ASP A 67 4.86 15.81 9.72
CA ASP A 67 5.46 17.07 9.27
C ASP A 67 4.96 17.43 7.87
N ASN A 68 4.86 16.43 6.99
CA ASN A 68 4.41 16.75 5.64
C ASN A 68 2.93 17.10 5.61
N MET A 69 2.13 16.44 6.45
CA MET A 69 0.73 16.86 6.58
C MET A 69 0.62 18.31 7.05
N LYS A 70 1.40 18.69 8.07
CA LYS A 70 1.40 20.07 8.53
C LYS A 70 1.78 21.03 7.40
N ALA A 71 2.79 20.67 6.60
CA ALA A 71 3.19 21.53 5.48
C ALA A 71 2.05 21.69 4.49
N ARG A 72 1.19 20.67 4.37
CA ARG A 72 0.02 20.74 3.50
C ARG A 72 -1.20 21.39 4.15
N GLY A 73 -1.09 21.85 5.40
CA GLY A 73 -2.24 22.45 6.07
C GLY A 73 -3.15 21.45 6.76
N VAL A 74 -2.69 20.23 6.99
CA VAL A 74 -3.46 19.17 7.64
C VAL A 74 -2.89 19.00 9.04
N THR A 75 -3.62 19.43 10.06
CA THR A 75 -3.19 19.20 11.43
C THR A 75 -3.57 17.77 11.85
N PRO A 76 -3.06 17.33 13.00
CA PRO A 76 -3.43 15.98 13.47
C PRO A 76 -4.94 15.74 13.60
N ARG A 77 -5.71 16.70 14.10
CA ARG A 77 -7.16 16.51 14.20
C ARG A 77 -7.83 16.43 12.83
N ASP A 78 -7.18 16.90 11.77
CA ASP A 78 -7.80 16.92 10.46
C ASP A 78 -7.68 15.58 9.74
N LEU A 79 -6.75 14.72 10.15
CA LEU A 79 -6.59 13.40 9.53
C LEU A 79 -7.72 12.51 10.04
N ARG A 80 -8.62 12.11 9.14
CA ARG A 80 -9.81 11.39 9.55
C ARG A 80 -9.73 9.89 9.31
N LEU A 81 -9.02 9.46 8.27
CA LEU A 81 -9.09 8.09 7.81
C LEU A 81 -7.73 7.64 7.30
N ILE A 82 -7.38 6.40 7.65
CA ILE A 82 -6.22 5.72 7.12
C ILE A 82 -6.73 4.47 6.39
N LEU A 83 -6.32 4.34 5.12
CA LEU A 83 -6.59 3.15 4.31
C LEU A 83 -5.24 2.50 4.02
N LEU A 84 -5.28 1.19 3.72
CA LEU A 84 -4.05 0.43 3.50
C LEU A 84 -4.11 -0.39 2.22
N SER A 85 -2.96 -0.47 1.54
CA SER A 85 -2.81 -1.44 0.46
C SER A 85 -2.74 -2.84 1.05
N HIS A 86 -1.77 -3.06 1.94
CA HIS A 86 -1.68 -4.31 2.68
C HIS A 86 -0.89 -4.06 3.96
N ALA A 87 -1.05 -4.98 4.91
CA ALA A 87 -0.58 -4.76 6.27
C ALA A 87 0.78 -5.39 6.53
N HIS A 88 1.76 -5.08 5.68
CA HIS A 88 3.15 -5.39 5.96
C HIS A 88 3.86 -4.18 6.55
N ALA A 89 5.02 -4.44 7.18
CA ALA A 89 5.71 -3.41 7.97
C ALA A 89 6.15 -2.22 7.13
N ASP A 90 6.44 -2.43 5.85
CA ASP A 90 6.93 -1.34 5.01
C ASP A 90 5.81 -0.49 4.42
N HIS A 91 4.53 -0.78 4.75
CA HIS A 91 3.39 -0.02 4.27
C HIS A 91 2.46 0.41 5.37
N ALA A 92 2.30 -0.41 6.42
CA ALA A 92 1.43 -0.11 7.55
C ALA A 92 2.24 0.19 8.82
N GLY A 93 3.55 0.26 8.69
CA GLY A 93 4.43 0.39 9.83
C GLY A 93 4.04 1.40 10.88
N PRO A 94 3.72 2.63 10.51
CA PRO A 94 3.45 3.68 11.51
C PRO A 94 1.99 3.86 11.87
N VAL A 95 1.11 2.94 11.49
CA VAL A 95 -0.32 3.14 11.70
C VAL A 95 -0.67 3.27 13.18
N ALA A 96 -0.12 2.40 14.03
CA ALA A 96 -0.48 2.47 15.45
C ALA A 96 -0.12 3.83 16.03
N GLU A 97 1.09 4.31 15.72
CA GLU A 97 1.52 5.62 16.20
C GLU A 97 0.67 6.74 15.62
N LEU A 98 0.35 6.69 14.33
CA LEU A 98 -0.51 7.71 13.76
C LEU A 98 -1.87 7.76 14.45
N LYS A 99 -2.44 6.60 14.79
CA LYS A 99 -3.72 6.59 15.49
C LYS A 99 -3.61 7.26 16.86
N ARG A 100 -2.49 7.04 17.56
CA ARG A 100 -2.33 7.66 18.87
C ARG A 100 -2.15 9.16 18.77
N ARG A 101 -1.58 9.66 17.67
CA ARG A 101 -1.17 11.05 17.59
C ARG A 101 -2.11 11.89 16.75
N THR A 102 -3.12 11.28 16.14
CA THR A 102 -4.06 12.01 15.31
C THR A 102 -5.48 11.56 15.61
N GLY A 103 -6.44 12.21 14.95
CA GLY A 103 -7.82 11.76 15.02
C GLY A 103 -8.18 10.61 14.13
N ALA A 104 -7.21 9.97 13.51
CA ALA A 104 -7.51 9.09 12.39
C ALA A 104 -8.04 7.72 12.83
N LYS A 105 -8.96 7.21 12.05
CA LYS A 105 -9.47 5.86 12.20
C LYS A 105 -9.08 5.05 10.97
N VAL A 106 -8.93 3.75 11.16
CA VAL A 106 -8.50 2.84 10.11
C VAL A 106 -9.69 2.04 9.58
N ALA A 107 -9.79 1.95 8.26
CA ALA A 107 -10.75 1.06 7.60
C ALA A 107 -9.95 0.05 6.79
N ALA A 108 -10.28 -1.23 6.93
CA ALA A 108 -9.55 -2.27 6.23
C ALA A 108 -10.43 -3.51 6.10
N ASN A 109 -10.09 -4.39 5.15
CA ASN A 109 -10.81 -5.65 5.09
C ASN A 109 -10.42 -6.56 6.26
N ALA A 110 -11.19 -7.64 6.44
CA ALA A 110 -11.00 -8.53 7.58
C ALA A 110 -9.59 -9.14 7.56
N GLU A 111 -9.10 -9.56 6.39
CA GLU A 111 -7.76 -10.14 6.35
C GLU A 111 -6.70 -9.13 6.77
N SER A 112 -6.76 -7.91 6.24
CA SER A 112 -5.79 -6.90 6.63
C SER A 112 -5.93 -6.54 8.09
N ALA A 113 -7.18 -6.50 8.58
CA ALA A 113 -7.40 -6.16 9.98
C ALA A 113 -6.76 -7.17 10.91
N VAL A 114 -6.89 -8.47 10.61
N VAL A 114 -6.87 -8.47 10.62
CA VAL A 114 -6.31 -9.50 11.47
CA VAL A 114 -6.30 -9.45 11.54
C VAL A 114 -4.79 -9.42 11.47
C VAL A 114 -4.78 -9.41 11.48
N LEU A 115 -4.20 -9.18 10.29
CA LEU A 115 -2.74 -9.08 10.21
C LEU A 115 -2.22 -7.83 10.92
N LEU A 116 -2.91 -6.71 10.74
CA LEU A 116 -2.56 -5.46 11.41
C LEU A 116 -2.63 -5.61 12.91
N ALA A 117 -3.65 -6.31 13.41
CA ALA A 117 -3.82 -6.49 14.86
C ALA A 117 -2.75 -7.37 15.47
N ARG A 118 -2.08 -8.20 14.67
CA ARG A 118 -0.93 -8.95 15.18
C ARG A 118 0.41 -8.34 14.78
N GLY A 119 0.39 -7.10 14.30
CA GLY A 119 1.63 -6.40 13.96
C GLY A 119 2.45 -7.14 12.92
N GLY A 120 1.79 -7.82 12.00
CA GLY A 120 2.48 -8.56 10.96
C GLY A 120 3.13 -9.84 11.41
N SER A 121 2.96 -10.25 12.66
CA SER A 121 3.51 -11.49 13.13
C SER A 121 2.70 -12.66 12.57
N ASP A 122 3.30 -13.86 12.64
CA ASP A 122 2.71 -15.06 12.06
C ASP A 122 2.26 -14.82 10.62
N ASP A 123 3.09 -14.13 9.86
CA ASP A 123 2.86 -13.96 8.43
C ASP A 123 2.88 -15.31 7.73
N LEU A 124 2.03 -15.45 6.70
CA LEU A 124 1.94 -16.73 6.00
C LEU A 124 3.28 -17.16 5.39
N HIS A 125 4.11 -16.20 5.01
CA HIS A 125 5.38 -16.47 4.34
C HIS A 125 6.62 -16.05 5.12
N PHE A 126 6.54 -15.01 5.95
CA PHE A 126 7.70 -14.47 6.63
C PHE A 126 7.77 -14.87 8.11
N GLY A 127 6.74 -15.53 8.63
CA GLY A 127 6.73 -15.84 10.05
C GLY A 127 6.73 -14.56 10.88
N ASP A 128 7.68 -14.46 11.81
CA ASP A 128 7.85 -13.26 12.64
C ASP A 128 9.05 -12.42 12.19
N GLY A 129 9.51 -12.60 10.95
CA GLY A 129 10.70 -11.89 10.50
C GLY A 129 10.49 -10.43 10.22
N ILE A 130 9.27 -10.01 9.93
CA ILE A 130 8.99 -8.63 9.53
C ILE A 130 7.75 -8.18 10.29
N THR A 131 7.94 -7.56 11.45
CA THR A 131 6.83 -7.15 12.31
C THR A 131 6.91 -5.66 12.62
N TYR A 132 5.85 -5.14 13.24
CA TYR A 132 5.66 -3.72 13.49
C TYR A 132 4.61 -3.57 14.58
N PRO A 133 4.43 -2.37 15.13
CA PRO A 133 3.48 -2.20 16.24
C PRO A 133 2.05 -2.50 15.81
N PRO A 134 1.33 -3.30 16.59
CA PRO A 134 -0.03 -3.68 16.18
C PRO A 134 -1.00 -2.52 16.26
N ALA A 135 -2.04 -2.58 15.43
CA ALA A 135 -3.08 -1.58 15.45
C ALA A 135 -4.42 -2.25 15.18
N ASN A 136 -5.50 -1.62 15.67
CA ASN A 136 -6.84 -2.13 15.49
C ASN A 136 -7.53 -1.34 14.39
N ALA A 137 -8.29 -2.04 13.55
CA ALA A 137 -9.17 -1.38 12.60
C ALA A 137 -10.45 -0.91 13.28
N ASP A 138 -10.97 0.23 12.83
CA ASP A 138 -12.21 0.79 13.33
C ASP A 138 -13.41 0.46 12.47
N ARG A 139 -13.18 0.09 11.21
CA ARG A 139 -14.24 -0.24 10.27
C ARG A 139 -13.72 -1.35 9.37
N ILE A 140 -14.53 -2.38 9.16
CA ILE A 140 -14.20 -3.50 8.27
C ILE A 140 -14.94 -3.26 6.96
N VAL A 141 -14.22 -3.34 5.83
N VAL A 141 -14.23 -3.43 5.84
CA VAL A 141 -14.84 -3.13 4.52
CA VAL A 141 -14.75 -3.14 4.50
C VAL A 141 -14.90 -4.44 3.76
C VAL A 141 -14.86 -4.44 3.73
N MET A 142 -15.88 -4.52 2.89
CA MET A 142 -16.11 -5.65 2.00
C MET A 142 -15.68 -5.27 0.58
N ASP A 143 -15.50 -6.28 -0.26
CA ASP A 143 -15.06 -6.03 -1.62
C ASP A 143 -16.07 -5.16 -2.37
N GLY A 144 -15.57 -4.11 -3.02
CA GLY A 144 -16.43 -3.19 -3.72
C GLY A 144 -17.10 -2.13 -2.87
N GLU A 145 -16.87 -2.14 -1.58
CA GLU A 145 -17.47 -1.15 -0.71
C GLU A 145 -16.82 0.21 -0.94
N VAL A 146 -17.63 1.25 -0.79
CA VAL A 146 -17.14 2.60 -0.95
C VAL A 146 -17.08 3.28 0.41
N ILE A 147 -16.10 4.17 0.54
CA ILE A 147 -16.02 5.09 1.67
C ILE A 147 -15.91 6.49 1.09
N THR A 148 -16.75 7.39 1.58
CA THR A 148 -16.84 8.74 1.04
C THR A 148 -16.35 9.74 2.09
N VAL A 149 -15.36 10.54 1.72
CA VAL A 149 -14.86 11.60 2.59
C VAL A 149 -14.86 12.90 1.78
N GLY A 150 -15.62 13.88 2.24
CA GLY A 150 -15.70 15.18 1.59
C GLY A 150 -15.98 15.10 0.11
N GLY A 151 -16.81 14.15 -0.30
CA GLY A 151 -17.15 13.98 -1.68
C GLY A 151 -16.14 13.27 -2.55
N ILE A 152 -15.02 12.83 -2.00
CA ILE A 152 -14.14 11.91 -2.71
C ILE A 152 -14.58 10.51 -2.33
N VAL A 153 -14.87 9.68 -3.33
CA VAL A 153 -15.38 8.34 -3.11
C VAL A 153 -14.24 7.37 -3.35
N PHE A 154 -13.87 6.62 -2.31
CA PHE A 154 -12.84 5.60 -2.41
C PHE A 154 -13.50 4.24 -2.51
N THR A 155 -13.12 3.44 -3.51
CA THR A 155 -13.69 2.12 -3.71
C THR A 155 -12.61 1.07 -3.48
N ALA A 156 -12.94 0.07 -2.68
CA ALA A 156 -12.04 -1.04 -2.43
C ALA A 156 -12.20 -2.10 -3.49
N HIS A 157 -11.06 -2.59 -4.02
CA HIS A 157 -11.05 -3.72 -4.96
C HIS A 157 -10.10 -4.76 -4.40
N PHE A 158 -10.63 -5.88 -3.91
CA PHE A 158 -9.75 -6.87 -3.30
C PHE A 158 -8.89 -7.49 -4.39
N MET A 159 -7.63 -7.71 -4.08
CA MET A 159 -6.68 -8.33 -5.00
C MET A 159 -5.70 -9.19 -4.21
N ALA A 160 -6.27 -10.22 -3.59
CA ALA A 160 -5.52 -11.14 -2.73
C ALA A 160 -4.34 -11.76 -3.46
N GLY A 161 -3.25 -11.96 -2.74
CA GLY A 161 -2.11 -12.66 -3.29
C GLY A 161 -0.87 -12.31 -2.49
N HIS A 162 -0.36 -11.11 -2.71
CA HIS A 162 0.81 -10.66 -1.97
C HIS A 162 0.56 -10.81 -0.47
N THR A 163 -0.62 -10.41 -0.02
CA THR A 163 -1.17 -10.84 1.25
C THR A 163 -2.61 -11.26 0.98
N PRO A 164 -3.21 -12.03 1.87
CA PRO A 164 -4.64 -12.33 1.69
C PRO A 164 -5.53 -11.12 1.59
N GLY A 165 -5.18 -10.05 2.31
CA GLY A 165 -6.01 -8.86 2.39
C GLY A 165 -5.60 -7.76 1.44
N SER A 166 -4.68 -8.02 0.51
CA SER A 166 -4.25 -7.01 -0.47
C SER A 166 -5.42 -6.36 -1.17
N THR A 167 -5.37 -5.03 -1.26
CA THR A 167 -6.48 -4.23 -1.77
C THR A 167 -5.96 -3.14 -2.68
N ALA A 168 -6.66 -2.91 -3.78
CA ALA A 168 -6.49 -1.71 -4.59
C ALA A 168 -7.57 -0.72 -4.19
N TRP A 169 -7.20 0.56 -4.09
CA TRP A 169 -8.13 1.63 -3.80
C TRP A 169 -8.20 2.56 -5.00
N THR A 170 -9.41 2.91 -5.42
CA THR A 170 -9.59 3.81 -6.54
C THR A 170 -10.43 5.02 -6.12
N TRP A 171 -10.11 6.17 -6.73
CA TRP A 171 -10.92 7.37 -6.53
C TRP A 171 -10.66 8.28 -7.73
N THR A 172 -11.53 9.29 -7.87
CA THR A 172 -11.42 10.28 -8.94
C THR A 172 -11.06 11.62 -8.33
N ASP A 173 -9.97 12.20 -8.81
CA ASP A 173 -9.54 13.56 -8.51
C ASP A 173 -9.64 14.36 -9.79
N THR A 174 -9.05 15.55 -9.82
CA THR A 174 -9.04 16.40 -10.99
C THR A 174 -7.64 16.92 -11.23
N ARG A 175 -7.39 17.34 -12.47
CA ARG A 175 -6.11 17.92 -12.85
C ARG A 175 -6.34 18.66 -14.17
N ASN A 176 -5.87 19.90 -14.24
CA ASN A 176 -6.04 20.74 -15.43
C ASN A 176 -7.50 20.81 -15.88
N GLY A 177 -8.41 20.89 -14.90
CA GLY A 177 -9.83 20.98 -15.17
C GLY A 177 -10.52 19.69 -15.55
N LYS A 178 -9.81 18.56 -15.57
CA LYS A 178 -10.40 17.33 -16.07
C LYS A 178 -10.31 16.21 -15.04
N PRO A 179 -11.26 15.28 -15.04
CA PRO A 179 -11.21 14.17 -14.07
C PRO A 179 -10.00 13.27 -14.32
N VAL A 180 -9.43 12.77 -13.22
CA VAL A 180 -8.33 11.82 -13.25
C VAL A 180 -8.73 10.67 -12.35
N ARG A 181 -8.93 9.50 -12.94
CA ARG A 181 -9.25 8.28 -12.19
C ARG A 181 -7.95 7.67 -11.69
N ILE A 182 -7.72 7.77 -10.39
CA ILE A 182 -6.49 7.29 -9.77
C ILE A 182 -6.71 5.87 -9.26
N ALA A 183 -5.76 4.99 -9.53
CA ALA A 183 -5.78 3.61 -9.05
C ALA A 183 -4.52 3.38 -8.23
N TYR A 184 -4.68 3.19 -6.92
CA TYR A 184 -3.57 2.79 -6.06
C TYR A 184 -3.65 1.28 -5.92
N ALA A 185 -2.89 0.58 -6.77
CA ALA A 185 -2.98 -0.87 -6.81
C ALA A 185 -1.88 -1.45 -5.94
N ASP A 186 -2.22 -2.51 -5.20
CA ASP A 186 -1.27 -3.14 -4.30
C ASP A 186 -0.19 -3.89 -5.07
N SER A 187 0.82 -4.29 -4.32
CA SER A 187 1.88 -5.16 -4.79
C SER A 187 1.30 -6.46 -5.33
N LEU A 188 1.94 -6.94 -6.40
CA LEU A 188 1.65 -8.20 -7.06
C LEU A 188 2.85 -9.13 -7.03
N SER A 189 3.84 -8.83 -6.21
CA SER A 189 5.02 -9.64 -6.07
C SER A 189 4.74 -10.82 -5.14
N ALA A 190 5.63 -11.80 -5.21
CA ALA A 190 5.60 -12.97 -4.33
C ALA A 190 7.01 -13.28 -3.83
N PRO A 191 7.64 -12.34 -3.10
CA PRO A 191 9.08 -12.45 -2.83
C PRO A 191 9.47 -13.60 -1.90
N GLY A 192 10.12 -14.60 -2.48
CA GLY A 192 10.50 -15.78 -1.76
C GLY A 192 9.36 -16.71 -1.39
N TYR A 193 8.16 -16.46 -1.90
CA TYR A 193 7.02 -17.27 -1.47
C TYR A 193 7.08 -18.66 -2.10
N GLN A 194 6.64 -19.67 -1.34
CA GLN A 194 6.26 -20.97 -1.90
C GLN A 194 4.88 -20.80 -2.54
N LEU A 195 4.82 -20.93 -3.85
CA LEU A 195 3.58 -20.69 -4.57
C LEU A 195 2.69 -21.94 -4.68
N GLN A 196 3.29 -23.10 -4.98
CA GLN A 196 2.56 -24.31 -5.27
C GLN A 196 2.44 -25.15 -4.02
N GLY A 197 1.22 -25.63 -3.73
CA GLY A 197 1.03 -26.54 -2.61
C GLY A 197 1.38 -25.94 -1.27
N ASN A 198 1.15 -24.65 -1.08
CA ASN A 198 1.47 -24.00 0.18
C ASN A 198 0.38 -24.31 1.21
N PRO A 199 0.69 -25.01 2.30
CA PRO A 199 -0.38 -25.40 3.23
C PRO A 199 -1.06 -24.24 3.91
N ARG A 200 -0.34 -23.12 4.09
CA ARG A 200 -0.93 -21.93 4.69
C ARG A 200 -1.71 -21.09 3.68
N TYR A 201 -1.59 -21.36 2.38
CA TYR A 201 -2.31 -20.57 1.37
C TYR A 201 -2.58 -21.49 0.18
N PRO A 202 -3.53 -22.41 0.33
CA PRO A 202 -3.71 -23.45 -0.72
C PRO A 202 -4.12 -22.90 -2.07
N HIS A 203 -4.92 -21.84 -2.13
CA HIS A 203 -5.38 -21.29 -3.41
C HIS A 203 -4.59 -20.06 -3.82
N LEU A 204 -3.32 -19.99 -3.43
CA LEU A 204 -2.51 -18.82 -3.72
C LEU A 204 -2.49 -18.52 -5.20
N ILE A 205 -2.19 -19.53 -6.02
CA ILE A 205 -2.04 -19.29 -7.46
C ILE A 205 -3.35 -18.77 -8.06
N GLU A 206 -4.48 -19.41 -7.73
CA GLU A 206 -5.76 -18.94 -8.24
C GLU A 206 -6.03 -17.51 -7.83
N ASP A 207 -5.70 -17.15 -6.59
CA ASP A 207 -5.92 -15.78 -6.13
C ASP A 207 -5.06 -14.78 -6.91
N TYR A 208 -3.76 -15.08 -7.07
CA TYR A 208 -2.94 -14.18 -7.88
C TYR A 208 -3.50 -14.02 -9.28
N ARG A 209 -3.96 -15.13 -9.91
CA ARG A 209 -4.45 -15.02 -11.28
C ARG A 209 -5.69 -14.12 -11.34
N ARG A 210 -6.57 -14.25 -10.36
CA ARG A 210 -7.74 -13.39 -10.35
C ARG A 210 -7.31 -11.94 -10.10
N SER A 211 -6.30 -11.75 -9.26
CA SER A 211 -5.83 -10.39 -8.98
C SER A 211 -5.19 -9.71 -10.18
N PHE A 212 -4.48 -10.46 -11.03
CA PHE A 212 -3.97 -9.84 -12.25
C PHE A 212 -5.13 -9.31 -13.07
N ALA A 213 -6.21 -10.09 -13.18
CA ALA A 213 -7.35 -9.67 -13.98
C ALA A 213 -8.05 -8.46 -13.35
N THR A 214 -8.17 -8.46 -12.03
CA THR A 214 -8.75 -7.31 -11.33
C THR A 214 -7.97 -6.04 -11.61
N VAL A 215 -6.64 -6.11 -11.51
CA VAL A 215 -5.83 -4.91 -11.72
C VAL A 215 -5.94 -4.44 -13.17
N ARG A 216 -5.93 -5.39 -14.11
N ARG A 216 -5.92 -5.38 -14.12
CA ARG A 216 -5.97 -5.03 -15.54
CA ARG A 216 -5.99 -5.03 -15.53
C ARG A 216 -7.27 -4.33 -15.92
C ARG A 216 -7.27 -4.27 -15.89
N ALA A 217 -8.33 -4.44 -15.09
CA ALA A 217 -9.63 -3.85 -15.40
C ALA A 217 -9.95 -2.64 -14.53
N LEU A 218 -9.04 -2.17 -13.69
CA LEU A 218 -9.41 -1.07 -12.82
C LEU A 218 -9.62 0.23 -13.60
N PRO A 219 -10.47 1.14 -13.11
CA PRO A 219 -10.53 2.49 -13.69
C PRO A 219 -9.22 3.19 -13.38
N CYS A 220 -8.50 3.59 -14.43
CA CYS A 220 -7.07 3.86 -14.20
C CYS A 220 -6.45 4.81 -15.21
N ASP A 221 -6.71 6.11 -15.04
CA ASP A 221 -5.95 7.09 -15.80
C ASP A 221 -4.53 7.24 -15.28
N VAL A 222 -4.34 7.12 -13.97
CA VAL A 222 -3.03 7.22 -13.35
C VAL A 222 -2.93 6.06 -12.37
N LEU A 223 -1.91 5.21 -12.51
CA LEU A 223 -1.61 4.14 -11.58
C LEU A 223 -0.51 4.59 -10.62
N LEU A 224 -0.70 4.26 -9.31
CA LEU A 224 0.33 4.39 -8.27
C LEU A 224 0.44 3.07 -7.52
N THR A 225 1.63 2.78 -7.02
CA THR A 225 1.86 1.52 -6.32
C THR A 225 2.62 1.75 -5.03
N PRO A 226 2.49 0.81 -4.07
CA PRO A 226 3.17 1.04 -2.77
C PRO A 226 4.67 1.20 -2.88
N HIS A 227 5.31 0.40 -3.73
CA HIS A 227 6.68 0.65 -4.13
C HIS A 227 6.62 1.36 -5.46
N PRO A 228 7.00 2.63 -5.54
CA PRO A 228 6.81 3.38 -6.80
C PRO A 228 7.48 2.75 -7.99
N GLY A 229 8.63 2.10 -7.81
CA GLY A 229 9.30 1.49 -8.94
C GLY A 229 8.47 0.42 -9.64
N ALA A 230 7.52 -0.20 -8.93
CA ALA A 230 6.72 -1.25 -9.54
C ALA A 230 5.83 -0.71 -10.65
N SER A 231 5.45 0.56 -10.55
CA SER A 231 4.67 1.20 -11.60
C SER A 231 5.47 2.24 -12.39
N ASN A 232 6.80 2.25 -12.25
CA ASN A 232 7.72 3.11 -12.99
C ASN A 232 7.59 4.57 -12.62
N TRP A 233 7.15 4.86 -11.40
CA TRP A 233 7.24 6.21 -10.86
C TRP A 233 8.65 6.44 -10.33
N ASP A 234 9.09 7.70 -10.37
CA ASP A 234 10.37 8.13 -9.81
C ASP A 234 10.10 9.39 -8.99
N TYR A 235 9.79 9.21 -7.69
CA TYR A 235 9.36 10.37 -6.91
C TYR A 235 10.42 11.45 -6.78
N ALA A 236 11.67 11.13 -7.05
CA ALA A 236 12.73 12.13 -7.00
C ALA A 236 12.87 12.93 -8.29
N ALA A 237 12.09 12.61 -9.33
CA ALA A 237 12.28 13.22 -10.65
C ALA A 237 11.43 14.46 -10.86
N GLY A 238 10.83 15.00 -9.80
CA GLY A 238 10.24 16.34 -9.91
C GLY A 238 9.07 16.35 -10.87
N ALA A 239 9.11 17.27 -11.83
CA ALA A 239 8.00 17.44 -12.77
C ALA A 239 7.80 16.24 -13.67
N ARG A 240 8.78 15.34 -13.75
CA ARG A 240 8.68 14.14 -14.56
C ARG A 240 8.50 12.89 -13.72
N ALA A 241 8.13 13.03 -12.45
CA ALA A 241 8.09 11.86 -11.57
C ALA A 241 7.18 10.76 -12.12
N GLY A 242 6.04 11.14 -12.70
CA GLY A 242 5.08 10.18 -13.18
C GLY A 242 5.13 9.97 -14.68
N ALA A 243 6.10 10.55 -15.36
CA ALA A 243 6.04 10.57 -16.83
C ALA A 243 6.07 9.16 -17.40
N LYS A 244 6.87 8.28 -16.80
CA LYS A 244 7.06 6.93 -17.32
C LYS A 244 6.12 5.91 -16.70
N ALA A 245 5.15 6.35 -15.91
CA ALA A 245 4.32 5.40 -15.17
C ALA A 245 3.63 4.43 -16.11
N LEU A 246 3.52 3.19 -15.67
CA LEU A 246 2.79 2.17 -16.37
C LEU A 246 1.28 2.41 -16.29
N THR A 247 0.56 1.87 -17.26
CA THR A 247 -0.88 1.70 -17.14
C THR A 247 -1.16 0.51 -16.23
N CYS A 248 -2.40 0.44 -15.71
CA CYS A 248 -2.80 -0.73 -14.95
C CYS A 248 -2.64 -2.02 -15.76
N LYS A 249 -2.95 -1.97 -17.06
CA LYS A 249 -2.83 -3.15 -17.91
C LYS A 249 -1.37 -3.61 -18.00
N ALA A 250 -0.44 -2.67 -18.15
CA ALA A 250 0.96 -3.03 -18.30
C ALA A 250 1.52 -3.53 -16.98
N TYR A 251 1.09 -2.95 -15.86
CA TYR A 251 1.52 -3.42 -14.55
C TYR A 251 1.07 -4.85 -14.31
N ALA A 252 -0.20 -5.13 -14.60
CA ALA A 252 -0.74 -6.47 -14.42
C ALA A 252 -0.04 -7.48 -15.32
N ASP A 253 0.20 -7.09 -16.58
CA ASP A 253 0.87 -8.00 -17.49
C ASP A 253 2.30 -8.30 -17.03
N ALA A 254 3.02 -7.27 -16.60
CA ALA A 254 4.39 -7.48 -16.14
C ALA A 254 4.42 -8.37 -14.91
N ALA A 255 3.50 -8.15 -13.97
CA ALA A 255 3.46 -8.97 -12.77
C ALA A 255 3.14 -10.41 -13.10
N GLU A 256 2.25 -10.64 -14.07
CA GLU A 256 1.88 -12.00 -14.44
C GLU A 256 3.04 -12.72 -15.12
N GLN A 257 3.75 -12.03 -16.01
CA GLN A 257 4.91 -12.66 -16.64
C GLN A 257 5.97 -13.03 -15.60
N LYS A 258 6.22 -12.13 -14.64
CA LYS A 258 7.16 -12.43 -13.58
C LYS A 258 6.69 -13.62 -12.75
N PHE A 259 5.39 -13.63 -12.41
CA PHE A 259 4.82 -14.73 -11.63
C PHE A 259 4.97 -16.06 -12.36
N ASP A 260 4.67 -16.10 -13.67
CA ASP A 260 4.80 -17.34 -14.43
C ASP A 260 6.24 -17.82 -14.44
N GLY A 261 7.20 -16.91 -14.52
CA GLY A 261 8.60 -17.31 -14.47
C GLY A 261 8.97 -17.86 -13.10
N GLN A 262 8.41 -17.25 -12.05
CA GLN A 262 8.68 -17.75 -10.70
C GLN A 262 8.09 -19.14 -10.51
N LEU A 263 6.90 -19.39 -11.07
CA LEU A 263 6.32 -20.72 -10.97
C LEU A 263 7.22 -21.75 -11.64
N ALA A 264 7.72 -21.41 -12.82
CA ALA A 264 8.58 -22.35 -13.54
C ALA A 264 9.88 -22.59 -12.77
N LYS A 265 10.43 -21.54 -12.15
CA LYS A 265 11.65 -21.72 -11.38
C LYS A 265 11.41 -22.55 -10.13
N GLU A 266 10.23 -22.40 -9.51
CA GLU A 266 9.92 -23.20 -8.33
C GLU A 266 9.78 -24.67 -8.70
N THR A 267 9.13 -24.98 -9.82
CA THR A 267 9.05 -26.35 -10.30
C THR A 267 10.43 -26.93 -10.56
N ALA A 268 11.36 -26.13 -11.10
CA ALA A 268 12.71 -26.61 -11.32
C ALA A 268 13.54 -26.71 -10.05
N GLY A 269 13.13 -26.05 -8.97
CA GLY A 269 13.91 -26.04 -7.75
C GLY A 269 13.52 -27.11 -6.75
ZN ZN B . 6.43 -3.75 0.34
ZN ZN C . 4.27 -6.56 1.33
C7 JO9 D . 10.90 -7.15 1.70
C7 JO9 D . 10.81 -7.23 1.74
C8 JO9 D . 12.76 -8.37 2.60
C8 JO9 D . 12.63 -8.61 2.59
C9 JO9 D . 13.40 -9.73 2.70
C9 JO9 D . 13.80 -8.96 1.68
C10 JO9 D . 12.53 -10.81 3.31
C10 JO9 D . 13.45 -9.72 0.41
C11 JO9 D . 11.09 -10.86 2.82
C11 JO9 D . 12.69 -11.01 0.58
C12 JO9 D . 10.87 -10.65 1.33
C12 JO9 D . 11.55 -10.95 1.58
O1 JO9 D . 5.64 -4.94 -1.48
O1 JO9 D . 5.59 -4.85 -1.49
C1 JO9 D . 8.96 -6.00 -2.41
C1 JO9 D . 8.96 -5.98 -2.38
C2 JO9 D . 9.10 -7.12 -3.44
C2 JO9 D . 9.10 -7.11 -3.42
C3 JO9 D . 7.73 -6.22 -1.50
C3 JO9 D . 7.72 -6.16 -1.47
C4 JO9 D . 6.42 -5.64 -2.09
C4 JO9 D . 6.39 -5.58 -2.08
C5 JO9 D . 9.31 -5.89 0.27
C5 JO9 D . 9.29 -5.83 0.30
C6 JO9 D . 9.48 -7.18 1.14
C6 JO9 D . 9.41 -7.14 1.14
O2 JO9 D . 11.35 -6.13 2.18
O2 JO9 D . 11.40 -6.23 2.08
O3 JO9 D . 6.79 -8.21 1.26
O3 JO9 D . 6.78 -8.27 1.21
N JO9 D . 7.94 -5.68 -0.16
N JO9 D . 7.94 -5.58 -0.16
C JO9 D . 8.96 -4.64 -3.08
C JO9 D . 8.99 -4.61 -3.06
O JO9 D . 6.27 -5.98 -3.34
O JO9 D . 6.25 -5.95 -3.30
C13 JO9 D . 11.49 -9.39 0.71
C13 JO9 D . 10.69 -9.70 1.45
C14 JO9 D . 7.33 -7.72 2.24
C14 JO9 D . 7.25 -7.70 2.19
N1 JO9 D . 11.65 -8.28 1.64
N1 JO9 D . 11.35 -8.46 1.90
N2 JO9 D . 8.57 -7.22 2.27
N2 JO9 D . 8.45 -7.14 2.23
S JO9 D . 10.37 -6.10 -1.23
S JO9 D . 10.36 -6.07 -1.18
H12 JO9 D . 13.51 -7.63 2.35
H12 JO9 D . 12.86 -7.69 3.13
H11 JO9 D . 12.41 -8.06 3.59
H11 JO9 D . 12.54 -9.37 3.37
H14 JO9 D . 14.33 -9.64 3.26
H14 JO9 D . 14.53 -9.53 2.26
H13 JO9 D . 13.73 -10.03 1.71
H13 JO9 D . 14.33 -8.05 1.43
H16 JO9 D . 12.53 -10.70 4.39
H16 JO9 D . 14.36 -9.91 -0.15
H15 JO9 D . 12.99 -11.78 3.14
H15 JO9 D . 12.88 -9.07 -0.25
H18 JO9 D . 10.52 -10.11 3.37
H18 JO9 D . 13.38 -11.80 0.87
H17 JO9 D . 10.65 -11.80 3.11
H17 JO9 D . 12.31 -11.35 -0.38
H19 JO9 D . 9.79 -10.63 1.14
H19 JO9 D . 11.95 -11.01 2.58
H20 JO9 D . 11.23 -11.52 0.79
H20 JO9 D . 10.93 -11.83 1.47
H4 JO9 D . 9.08 -8.12 -3.00
H4 JO9 D . 9.06 -8.10 -2.96
H5 JO9 D . 10.04 -7.07 -4.01
H5 JO9 D . 10.03 -7.06 -3.96
H6 JO9 D . 8.31 -7.11 -4.19
H6 JO9 D . 8.31 -7.09 -4.16
H7 JO9 D . 7.61 -7.29 -1.37
H7 JO9 D . 7.58 -7.23 -1.33
H10 JO9 D . 9.66 -5.02 0.83
H10 JO9 D . 9.66 -4.95 0.85
H JO9 D . 9.33 -8.07 0.53
H JO9 D . 9.26 -7.99 0.49
H25 JO9 D . 7.25 -5.95 0.52
H25 JO9 D . 7.24 -5.80 0.53
H2 JO9 D . 8.97 -3.84 -2.33
H2 JO9 D . 9.02 -3.81 -2.32
H1 JO9 D . 8.09 -4.50 -3.70
H1 JO9 D . 8.09 -4.46 -3.66
H3 JO9 D . 9.84 -4.50 -3.71
H3 JO9 D . 9.84 -4.50 -3.70
H8 JO9 D . 5.43 -5.61 -3.73
H8 JO9 D . 5.43 -5.58 -3.70
H21 JO9 D . 12.46 -9.64 0.29
H21 JO9 D . 10.38 -9.56 0.42
H22 JO9 D . 10.89 -9.06 -0.13
H22 JO9 D . 9.77 -9.83 2.01
H24 JO9 D . 6.82 -7.65 3.21
H24 JO9 D . 6.71 -7.60 3.13
H23 JO9 D . 8.92 -6.83 3.13
H23 JO9 D . 8.75 -6.66 3.07
S SO4 E . -19.53 6.04 3.74
O1 SO4 E . -20.54 6.92 4.31
O2 SO4 E . -18.23 6.24 4.40
O3 SO4 E . -19.41 6.36 2.30
O4 SO4 E . -19.93 4.64 3.96
S SO4 F . 4.13 14.03 -14.31
O1 SO4 F . 4.91 13.84 -13.09
O2 SO4 F . 3.49 15.35 -14.27
O3 SO4 F . 5.00 13.95 -15.47
O4 SO4 F . 3.09 13.02 -14.39
#